data_8U5N
#
_entry.id   8U5N
#
_cell.length_a   1.00
_cell.length_b   1.00
_cell.length_c   1.00
_cell.angle_alpha   90.00
_cell.angle_beta   90.00
_cell.angle_gamma   90.00
#
_symmetry.space_group_name_H-M   'P 1'
#
loop_
_entity.id
_entity.type
_entity.pdbx_description
1 polymer 'Integral membrane protein GPR155'
2 non-polymer '1H-INDOL-3-YLACETIC ACID'
#
_entity_poly.entity_id   1
_entity_poly.type   'polypeptide(L)'
_entity_poly.pdbx_seq_one_letter_code
;MNSNLPAENLTIAVNMTKTLPTAVTHGFNSTNDPPSMSITRLFPALLECFGIVLCGYIAGRANVITSTQAKGLGNFVSRF
ALPALLFKNMVVLNFSNVDWSFLYSILIAKASVFFIVCVLTLLVASPDSRFSKAGLFPIFATQSNDFALGYPIVEALYQT
TYPEYLQYIYLVAPISLMMLNPIGFIFCEIQKWKDTQNASQNKIKIVGLGLLRVLQNPIVFMVFIGIAFNFILDRKVPVY
VENFLDGLGNSFSGSALFYLGLTMVGKIKRLKKSAFVVLILLITAKLLVLPLLCREMVELLDKGDSVVNHTSLSNYAFLY
GVFPVAPGVAIFATQFNMEVEIITSGMVISTFVSAPIMYVSAWLLTFPTMDPKPLAYAIQNVSFDISIVSLISLIWSLAI
LLLSKKYKQLPHMLTTNLLIAQSIVCAGMMIWNFVKEKNFVGQILVFVLLYSSLYSTYLWTGLLAISLFLLKKRERVQIP
VGIIIISGWGIPALLVGVLLITGKHNGDSIDSAFFYGKEQMITTAVTLFCSILIAGISLMCMNQTAQAGSYEGFDQSQSH
KVVEPGNTAFEESPAPVNEPELFTSSIPETSCCSCSMGNGELHCPSIEPIANTSTSEPVIPSFEKNNHCVSRCNSQSCIL
AQEEEQYLQSGDQQLTRHVLLCLLLIIGLFANLSSCLWWLFNQEPGRLYVELQFFCAVFNFGQGFISFGIFGLDKHLIIL
PFKRRLEFLWNNKDTAENRDSPVSEEIKMTCQQFIHYHRDLCIRNIVKERRCGAKTSAGTFCGCDLVSWLIEVGLASDRG
EAVIYGDRLVQGGVIQHITNEYEFRDEYLFYRFLQKSPEQSPPAINANTLQQERYKEIEHSSPPSHSPKTGSGSDYKDDD
DKDYKDDDDK
;
_entity_poly.pdbx_strand_id   A
#
loop_
_chem_comp.id
_chem_comp.type
_chem_comp.name
_chem_comp.formula
IAC non-polymer '1H-INDOL-3-YLACETIC ACID' 'C10 H9 N O2'
#
# COMPACT_ATOMS: atom_id res chain seq x y z
N PRO A 35 -1.58 -10.02 20.69
CA PRO A 35 -2.17 -8.70 20.47
C PRO A 35 -3.68 -8.76 20.29
N SER A 36 -4.31 -7.60 20.09
CA SER A 36 -5.75 -7.53 19.81
C SER A 36 -6.08 -7.94 18.39
N MET A 37 -5.06 -8.23 17.59
CA MET A 37 -5.15 -8.31 16.14
C MET A 37 -3.95 -9.14 15.70
N SER A 38 -4.19 -10.26 15.04
CA SER A 38 -3.09 -11.19 14.74
C SER A 38 -2.26 -10.67 13.55
N ILE A 39 -1.56 -9.57 13.82
CA ILE A 39 -0.98 -8.78 12.73
C ILE A 39 0.24 -9.44 12.11
N THR A 40 0.82 -10.46 12.76
CA THR A 40 1.90 -11.20 12.12
C THR A 40 1.42 -11.91 10.86
N ARG A 41 0.14 -12.23 10.78
CA ARG A 41 -0.42 -12.90 9.61
C ARG A 41 -0.78 -11.92 8.49
N LEU A 42 -0.60 -10.62 8.72
CA LEU A 42 -0.92 -9.64 7.69
C LEU A 42 0.07 -9.70 6.53
N PHE A 43 1.37 -9.81 6.82
CA PHE A 43 2.32 -9.87 5.70
C PHE A 43 2.15 -11.14 4.88
N PRO A 44 1.99 -12.34 5.46
CA PRO A 44 1.63 -13.49 4.62
C PRO A 44 0.31 -13.32 3.90
N ALA A 45 -0.68 -12.69 4.53
CA ALA A 45 -1.95 -12.47 3.86
C ALA A 45 -1.80 -11.51 2.69
N LEU A 46 -1.10 -10.39 2.91
CA LEU A 46 -0.87 -9.44 1.83
C LEU A 46 -0.09 -10.08 0.71
N LEU A 47 0.94 -10.85 1.05
CA LEU A 47 1.75 -11.46 0.00
C LEU A 47 0.99 -12.58 -0.71
N GLU A 48 0.08 -13.27 -0.02
CA GLU A 48 -0.78 -14.23 -0.70
C GLU A 48 -1.72 -13.51 -1.68
N CYS A 49 -2.40 -12.46 -1.22
CA CYS A 49 -3.35 -11.75 -2.09
C CYS A 49 -2.64 -11.09 -3.27
N PHE A 50 -1.62 -10.28 -2.99
CA PHE A 50 -0.96 -9.57 -4.06
C PHE A 50 -0.02 -10.48 -4.84
N GLY A 51 0.39 -11.61 -4.28
CA GLY A 51 1.08 -12.60 -5.07
C GLY A 51 0.14 -13.24 -6.08
N ILE A 52 -1.11 -13.47 -5.69
CA ILE A 52 -2.07 -13.99 -6.65
C ILE A 52 -2.36 -12.95 -7.72
N VAL A 53 -2.51 -11.68 -7.34
CA VAL A 53 -2.77 -10.65 -8.34
C VAL A 53 -1.57 -10.51 -9.29
N LEU A 54 -0.36 -10.63 -8.74
CA LEU A 54 0.84 -10.57 -9.57
C LEU A 54 0.96 -11.77 -10.48
N CYS A 55 0.56 -12.96 -10.00
CA CYS A 55 0.55 -14.14 -10.86
C CYS A 55 -0.47 -14.01 -11.97
N GLY A 56 -1.63 -13.45 -11.66
CA GLY A 56 -2.62 -13.21 -12.70
C GLY A 56 -2.11 -12.22 -13.74
N TYR A 57 -1.45 -11.16 -13.28
CA TYR A 57 -0.89 -10.19 -14.21
C TYR A 57 0.20 -10.83 -15.07
N ILE A 58 1.04 -11.67 -14.48
CA ILE A 58 2.11 -12.33 -15.22
C ILE A 58 1.52 -13.30 -16.23
N ALA A 59 0.54 -14.11 -15.81
CA ALA A 59 -0.09 -15.06 -16.71
C ALA A 59 -0.82 -14.36 -17.83
N GLY A 60 -1.39 -13.19 -17.53
CA GLY A 60 -2.06 -12.42 -18.56
C GLY A 60 -1.09 -11.88 -19.60
N ARG A 61 0.03 -11.30 -19.14
CA ARG A 61 1.05 -10.87 -20.09
C ARG A 61 1.62 -12.04 -20.88
N ALA A 62 1.84 -13.17 -20.20
CA ALA A 62 2.57 -14.29 -20.78
C ALA A 62 1.74 -15.15 -21.71
N ASN A 63 0.50 -14.75 -22.01
CA ASN A 63 -0.38 -15.47 -22.94
C ASN A 63 -0.59 -16.93 -22.50
N VAL A 64 -0.54 -17.16 -21.19
CA VAL A 64 -0.94 -18.45 -20.64
C VAL A 64 -2.45 -18.65 -20.79
N ILE A 65 -3.20 -17.56 -20.92
CA ILE A 65 -4.66 -17.60 -20.79
C ILE A 65 -5.28 -16.86 -21.97
N THR A 66 -6.17 -17.53 -22.69
CA THR A 66 -6.88 -16.91 -23.81
C THR A 66 -7.97 -15.98 -23.31
N SER A 67 -8.42 -15.08 -24.20
CA SER A 67 -9.51 -14.19 -23.83
C SER A 67 -10.79 -14.96 -23.55
N THR A 68 -11.02 -16.09 -24.24
CA THR A 68 -12.16 -16.92 -23.91
C THR A 68 -12.02 -17.52 -22.51
N GLN A 69 -10.80 -17.91 -22.13
CA GLN A 69 -10.57 -18.36 -20.77
C GLN A 69 -10.75 -17.21 -19.77
N ALA A 70 -10.29 -16.01 -20.12
CA ALA A 70 -10.46 -14.87 -19.22
C ALA A 70 -11.92 -14.52 -19.02
N LYS A 71 -12.74 -14.62 -20.07
CA LYS A 71 -14.16 -14.31 -19.92
C LYS A 71 -14.91 -15.44 -19.24
N GLY A 72 -14.47 -16.69 -19.43
CA GLY A 72 -14.97 -17.77 -18.60
C GLY A 72 -14.66 -17.53 -17.13
N LEU A 73 -13.45 -17.07 -16.83
CA LEU A 73 -13.05 -16.81 -15.45
C LEU A 73 -13.87 -15.68 -14.85
N GLY A 74 -14.08 -14.62 -15.62
CA GLY A 74 -14.90 -13.52 -15.15
C GLY A 74 -16.32 -13.96 -14.85
N ASN A 75 -16.88 -14.83 -15.70
CA ASN A 75 -18.23 -15.30 -15.43
C ASN A 75 -18.27 -16.25 -14.25
N PHE A 76 -17.27 -17.10 -14.08
CA PHE A 76 -17.23 -17.90 -12.86
C PHE A 76 -17.20 -17.01 -11.63
N VAL A 77 -16.24 -16.07 -11.59
CA VAL A 77 -16.06 -15.17 -10.45
C VAL A 77 -17.35 -14.41 -10.13
N SER A 78 -17.96 -13.81 -11.15
CA SER A 78 -19.06 -12.89 -10.90
C SER A 78 -20.41 -13.57 -10.84
N ARG A 79 -20.67 -14.58 -11.66
CA ARG A 79 -21.98 -15.22 -11.69
C ARG A 79 -22.14 -16.28 -10.62
N PHE A 80 -21.10 -17.04 -10.27
CA PHE A 80 -21.28 -18.09 -9.29
C PHE A 80 -20.59 -17.77 -7.97
N ALA A 81 -19.30 -17.44 -8.01
CA ALA A 81 -18.51 -17.46 -6.77
C ALA A 81 -18.89 -16.33 -5.83
N LEU A 82 -18.96 -15.10 -6.34
CA LEU A 82 -19.37 -13.99 -5.49
C LEU A 82 -20.79 -14.16 -4.97
N PRO A 83 -21.78 -14.53 -5.80
CA PRO A 83 -23.10 -14.84 -5.24
C PRO A 83 -23.09 -15.96 -4.22
N ALA A 84 -22.28 -17.00 -4.42
CA ALA A 84 -22.23 -18.09 -3.46
C ALA A 84 -21.64 -17.63 -2.13
N LEU A 85 -20.58 -16.82 -2.18
CA LEU A 85 -19.99 -16.27 -0.96
C LEU A 85 -20.99 -15.41 -0.21
N LEU A 86 -21.72 -14.57 -0.93
CA LEU A 86 -22.71 -13.70 -0.31
C LEU A 86 -23.88 -14.49 0.25
N PHE A 87 -24.38 -15.46 -0.51
CA PHE A 87 -25.50 -16.29 -0.07
C PHE A 87 -25.13 -17.03 1.21
N LYS A 88 -23.98 -17.69 1.20
CA LYS A 88 -23.43 -18.36 2.38
C LYS A 88 -23.43 -17.42 3.58
N ASN A 89 -22.68 -16.32 3.48
CA ASN A 89 -22.47 -15.47 4.64
C ASN A 89 -23.77 -14.80 5.09
N MET A 90 -24.66 -14.47 4.15
CA MET A 90 -25.89 -13.79 4.52
C MET A 90 -26.89 -14.72 5.18
N VAL A 91 -26.93 -16.00 4.79
CA VAL A 91 -27.79 -16.91 5.52
C VAL A 91 -27.24 -17.19 6.90
N VAL A 92 -25.91 -17.29 7.02
CA VAL A 92 -25.28 -17.69 8.28
C VAL A 92 -25.45 -16.62 9.37
N LEU A 93 -25.56 -15.36 8.96
CA LEU A 93 -25.29 -14.22 9.83
C LEU A 93 -26.39 -14.00 10.87
N ASN A 94 -26.01 -13.86 12.14
CA ASN A 94 -26.95 -13.61 13.24
C ASN A 94 -27.19 -12.12 13.37
N PHE A 95 -28.26 -11.64 12.74
CA PHE A 95 -28.49 -10.20 12.63
C PHE A 95 -28.77 -9.56 13.99
N SER A 96 -29.33 -10.31 14.94
CA SER A 96 -29.67 -9.70 16.22
C SER A 96 -28.46 -9.48 17.13
N ASN A 97 -27.26 -9.89 16.73
CA ASN A 97 -26.06 -9.53 17.48
C ASN A 97 -24.91 -9.12 16.57
N VAL A 98 -25.25 -8.49 15.45
CA VAL A 98 -24.32 -7.63 14.72
C VAL A 98 -24.10 -6.34 15.50
N ASP A 99 -22.91 -5.76 15.40
CA ASP A 99 -22.68 -4.39 15.89
C ASP A 99 -23.14 -3.42 14.82
N TRP A 100 -24.40 -3.00 14.90
CA TRP A 100 -24.92 -2.02 13.95
C TRP A 100 -24.18 -0.69 14.07
N SER A 101 -23.57 -0.42 15.22
CA SER A 101 -22.82 0.81 15.42
C SER A 101 -21.69 0.96 14.41
N PHE A 102 -20.96 -0.12 14.15
CA PHE A 102 -19.87 -0.09 13.17
C PHE A 102 -20.42 0.11 11.76
N LEU A 103 -21.56 -0.51 11.45
CA LEU A 103 -22.16 -0.32 10.13
C LEU A 103 -22.56 1.13 9.94
N TYR A 104 -23.29 1.70 10.89
CA TYR A 104 -23.63 3.12 10.83
C TYR A 104 -22.38 3.96 10.64
N SER A 105 -21.30 3.62 11.36
CA SER A 105 -20.07 4.38 11.27
C SER A 105 -19.48 4.36 9.88
N ILE A 106 -19.22 3.16 9.34
CA ILE A 106 -18.60 3.07 8.02
C ILE A 106 -19.52 3.62 6.95
N LEU A 107 -20.84 3.45 7.13
CA LEU A 107 -21.78 3.96 6.14
C LEU A 107 -21.84 5.48 6.18
N ILE A 108 -21.78 6.08 7.38
CA ILE A 108 -21.72 7.53 7.49
C ILE A 108 -20.40 8.05 6.96
N ALA A 109 -19.31 7.29 7.14
CA ALA A 109 -18.01 7.72 6.64
C ALA A 109 -17.95 7.64 5.12
N LYS A 110 -18.48 6.56 4.54
CA LYS A 110 -18.52 6.44 3.09
C LYS A 110 -19.51 7.42 2.49
N ALA A 111 -20.62 7.70 3.18
CA ALA A 111 -21.54 8.73 2.72
C ALA A 111 -20.90 10.12 2.81
N SER A 112 -20.07 10.34 3.83
CA SER A 112 -19.36 11.61 3.95
C SER A 112 -18.37 11.78 2.81
N VAL A 113 -17.53 10.78 2.55
CA VAL A 113 -16.59 10.88 1.44
C VAL A 113 -17.34 10.94 0.12
N PHE A 114 -18.52 10.32 0.05
CA PHE A 114 -19.34 10.45 -1.15
C PHE A 114 -19.78 11.89 -1.35
N PHE A 115 -20.44 12.46 -0.34
CA PHE A 115 -20.89 13.86 -0.45
C PHE A 115 -19.72 14.76 -0.76
N ILE A 116 -18.62 14.63 -0.04
CA ILE A 116 -17.44 15.47 -0.23
C ILE A 116 -16.95 15.36 -1.67
N VAL A 117 -16.62 14.15 -2.13
CA VAL A 117 -16.05 13.98 -3.46
C VAL A 117 -17.06 14.39 -4.53
N CYS A 118 -18.35 14.14 -4.28
CA CYS A 118 -19.39 14.46 -5.24
C CYS A 118 -19.54 15.98 -5.41
N VAL A 119 -19.70 16.69 -4.29
CA VAL A 119 -19.83 18.14 -4.32
C VAL A 119 -18.56 18.77 -4.87
N LEU A 120 -17.40 18.32 -4.39
CA LEU A 120 -16.12 18.82 -4.89
C LEU A 120 -15.99 18.63 -6.40
N THR A 121 -16.42 17.46 -6.91
CA THR A 121 -16.30 17.21 -8.34
C THR A 121 -17.26 18.09 -9.14
N LEU A 122 -18.52 18.18 -8.70
CA LEU A 122 -19.47 19.00 -9.45
C LEU A 122 -19.10 20.46 -9.42
N LEU A 123 -18.42 20.91 -8.36
CA LEU A 123 -18.01 22.30 -8.32
C LEU A 123 -16.72 22.55 -9.09
N VAL A 124 -15.86 21.54 -9.25
CA VAL A 124 -14.55 21.74 -9.88
C VAL A 124 -14.58 21.43 -11.38
N ALA A 125 -15.30 20.42 -11.82
CA ALA A 125 -15.07 19.82 -13.13
C ALA A 125 -15.68 20.66 -14.26
N SER A 126 -15.28 20.32 -15.49
CA SER A 126 -15.72 21.04 -16.68
C SER A 126 -17.23 20.90 -16.89
N PRO A 127 -17.92 21.96 -17.32
CA PRO A 127 -19.40 21.99 -17.18
C PRO A 127 -20.14 20.89 -17.88
N ASP A 128 -19.65 20.37 -19.00
CA ASP A 128 -20.42 19.35 -19.72
C ASP A 128 -20.15 17.94 -19.20
N SER A 129 -18.89 17.55 -19.13
CA SER A 129 -18.53 16.20 -18.72
C SER A 129 -18.46 16.02 -17.20
N ARG A 130 -18.89 17.02 -16.42
CA ARG A 130 -18.75 16.91 -14.97
C ARG A 130 -19.64 15.85 -14.37
N PHE A 131 -20.69 15.42 -15.07
CA PHE A 131 -21.61 14.47 -14.44
C PHE A 131 -21.07 13.05 -14.44
N SER A 132 -20.39 12.62 -15.51
CA SER A 132 -19.77 11.30 -15.48
C SER A 132 -18.75 11.23 -14.34
N LYS A 133 -17.93 12.27 -14.22
CA LYS A 133 -16.98 12.36 -13.12
C LYS A 133 -17.69 12.33 -11.77
N ALA A 134 -18.70 13.18 -11.61
CA ALA A 134 -19.36 13.28 -10.31
C ALA A 134 -20.16 12.03 -9.98
N GLY A 135 -20.43 11.18 -10.95
CA GLY A 135 -21.10 9.92 -10.67
C GLY A 135 -20.12 8.83 -10.34
N LEU A 136 -19.04 8.72 -11.12
CA LEU A 136 -18.12 7.60 -10.96
C LEU A 136 -17.05 7.87 -9.91
N PHE A 137 -16.55 9.10 -9.83
CA PHE A 137 -15.49 9.42 -8.88
C PHE A 137 -15.87 9.18 -7.42
N PRO A 138 -17.06 9.54 -6.92
CA PRO A 138 -17.36 9.22 -5.52
C PRO A 138 -17.62 7.74 -5.28
N ILE A 139 -18.10 7.01 -6.29
CA ILE A 139 -18.13 5.55 -6.19
C ILE A 139 -16.71 5.02 -6.07
N PHE A 140 -15.81 5.51 -6.92
CA PHE A 140 -14.39 5.17 -6.83
C PHE A 140 -13.84 5.48 -5.45
N ALA A 141 -14.19 6.64 -4.90
CA ALA A 141 -13.63 7.09 -3.64
C ALA A 141 -14.24 6.41 -2.43
N THR A 142 -15.35 5.70 -2.59
CA THR A 142 -15.97 5.07 -1.42
C THR A 142 -16.06 3.56 -1.50
N GLN A 143 -16.28 2.98 -2.68
CA GLN A 143 -16.55 1.56 -2.81
C GLN A 143 -15.27 0.79 -3.08
N SER A 144 -15.04 -0.27 -2.31
CA SER A 144 -13.74 -0.92 -2.26
C SER A 144 -13.81 -2.40 -2.58
N ASN A 145 -12.64 -3.02 -2.73
CA ASN A 145 -12.49 -4.43 -3.06
C ASN A 145 -12.60 -5.28 -1.79
N ASP A 146 -13.78 -5.22 -1.19
CA ASP A 146 -13.99 -5.75 0.15
C ASP A 146 -14.04 -7.27 0.16
N PHE A 147 -14.46 -7.88 -0.95
CA PHE A 147 -14.60 -9.33 -0.97
C PHE A 147 -13.31 -10.01 -1.41
N ALA A 148 -12.68 -9.51 -2.47
CA ALA A 148 -11.55 -10.22 -3.05
C ALA A 148 -10.34 -10.21 -2.11
N LEU A 149 -9.98 -9.04 -1.59
CA LEU A 149 -8.81 -8.99 -0.72
C LEU A 149 -9.08 -8.38 0.65
N GLY A 150 -10.11 -7.56 0.82
CA GLY A 150 -10.48 -7.16 2.16
C GLY A 150 -10.81 -8.34 3.05
N TYR A 151 -11.55 -9.31 2.51
CA TYR A 151 -12.00 -10.42 3.35
C TYR A 151 -10.87 -11.39 3.71
N PRO A 152 -9.98 -11.79 2.81
CA PRO A 152 -8.84 -12.60 3.29
C PRO A 152 -7.93 -11.85 4.24
N ILE A 153 -7.85 -10.53 4.11
CA ILE A 153 -7.02 -9.74 5.02
C ILE A 153 -7.68 -9.64 6.39
N VAL A 154 -8.98 -9.36 6.45
CA VAL A 154 -9.66 -9.30 7.73
C VAL A 154 -9.76 -10.68 8.35
N GLU A 155 -9.85 -11.71 7.53
CA GLU A 155 -9.73 -13.08 8.01
C GLU A 155 -8.37 -13.30 8.68
N ALA A 156 -7.29 -12.88 8.01
CA ALA A 156 -5.96 -13.07 8.60
C ALA A 156 -5.79 -12.28 9.89
N LEU A 157 -6.29 -11.04 9.91
CA LEU A 157 -6.07 -10.18 11.07
C LEU A 157 -6.97 -10.53 12.23
N TYR A 158 -8.17 -11.03 11.96
CA TYR A 158 -9.22 -11.04 12.96
C TYR A 158 -9.97 -12.35 13.11
N GLN A 159 -9.64 -13.40 12.35
CA GLN A 159 -10.37 -14.66 12.48
C GLN A 159 -10.24 -15.25 13.88
N THR A 160 -9.11 -15.06 14.54
CA THR A 160 -8.96 -15.51 15.93
C THR A 160 -9.40 -14.46 16.93
N THR A 161 -9.01 -13.20 16.71
CA THR A 161 -9.17 -12.20 17.75
C THR A 161 -10.52 -11.52 17.75
N TYR A 162 -11.19 -11.43 16.60
CA TYR A 162 -12.53 -10.84 16.51
C TYR A 162 -13.27 -11.43 15.32
N PRO A 163 -13.83 -12.63 15.47
CA PRO A 163 -14.54 -13.25 14.34
C PRO A 163 -15.78 -12.49 13.89
N GLU A 164 -16.35 -11.64 14.74
CA GLU A 164 -17.48 -10.83 14.29
C GLU A 164 -17.08 -9.79 13.26
N TYR A 165 -15.80 -9.43 13.18
CA TYR A 165 -15.38 -8.41 12.23
C TYR A 165 -15.42 -8.94 10.80
N LEU A 166 -15.37 -10.26 10.62
CA LEU A 166 -15.53 -10.84 9.29
C LEU A 166 -16.95 -10.68 8.77
N GLN A 167 -17.96 -10.59 9.65
CA GLN A 167 -19.34 -10.35 9.23
C GLN A 167 -19.49 -8.99 8.55
N TYR A 168 -18.77 -7.99 9.05
CA TYR A 168 -19.12 -6.64 8.71
C TYR A 168 -18.71 -6.28 7.30
N ILE A 169 -17.80 -7.03 6.67
CA ILE A 169 -17.55 -6.83 5.25
C ILE A 169 -18.81 -7.09 4.43
N TYR A 170 -19.49 -8.19 4.74
CA TYR A 170 -20.71 -8.56 4.04
C TYR A 170 -21.87 -7.66 4.38
N LEU A 171 -21.82 -6.98 5.52
CA LEU A 171 -22.85 -5.97 5.71
C LEU A 171 -22.50 -4.63 5.05
N VAL A 172 -21.29 -4.14 5.29
CA VAL A 172 -20.85 -2.82 4.88
C VAL A 172 -20.84 -2.70 3.36
N ALA A 173 -20.13 -3.58 2.67
CA ALA A 173 -19.95 -3.42 1.23
C ALA A 173 -21.27 -3.39 0.47
N PRO A 174 -22.23 -4.30 0.72
CA PRO A 174 -23.51 -4.23 0.01
C PRO A 174 -24.38 -3.04 0.41
N ILE A 175 -24.51 -2.76 1.70
CA ILE A 175 -25.35 -1.65 2.12
C ILE A 175 -24.78 -0.35 1.59
N SER A 176 -23.46 -0.22 1.59
CA SER A 176 -22.83 0.97 1.02
C SER A 176 -23.03 1.03 -0.48
N LEU A 177 -23.02 -0.11 -1.15
CA LEU A 177 -23.33 -0.15 -2.58
C LEU A 177 -24.74 0.39 -2.84
N MET A 178 -25.75 -0.15 -2.15
CA MET A 178 -27.11 0.28 -2.44
C MET A 178 -27.45 1.65 -1.84
N MET A 179 -26.63 2.17 -0.92
CA MET A 179 -26.78 3.56 -0.51
C MET A 179 -26.20 4.53 -1.53
N LEU A 180 -24.92 4.31 -1.88
CA LEU A 180 -24.10 5.31 -2.55
C LEU A 180 -23.98 5.10 -4.04
N ASN A 181 -23.91 3.86 -4.52
CA ASN A 181 -23.88 3.63 -5.96
C ASN A 181 -25.11 4.12 -6.69
N PRO A 182 -26.33 4.13 -6.15
CA PRO A 182 -27.42 4.71 -6.93
C PRO A 182 -27.31 6.21 -7.06
N ILE A 183 -26.80 6.94 -6.06
CA ILE A 183 -26.59 8.38 -6.23
C ILE A 183 -25.58 8.63 -7.35
N GLY A 184 -24.48 7.90 -7.34
CA GLY A 184 -23.47 8.05 -8.37
C GLY A 184 -23.97 7.62 -9.74
N PHE A 185 -24.63 6.46 -9.81
CA PHE A 185 -25.19 5.99 -11.07
C PHE A 185 -26.20 6.97 -11.62
N ILE A 186 -27.01 7.56 -10.75
CA ILE A 186 -28.00 8.54 -11.18
C ILE A 186 -27.31 9.74 -11.80
N PHE A 187 -26.19 10.18 -11.21
CA PHE A 187 -25.40 11.22 -11.86
C PHE A 187 -24.87 10.76 -13.23
N CYS A 188 -24.33 9.55 -13.31
CA CYS A 188 -23.81 9.05 -14.59
C CYS A 188 -24.92 8.98 -15.63
N GLU A 189 -26.09 8.54 -15.21
CA GLU A 189 -27.25 8.48 -16.08
C GLU A 189 -27.71 9.88 -16.48
N ILE A 190 -27.52 10.88 -15.61
CA ILE A 190 -27.76 12.26 -16.01
C ILE A 190 -26.80 12.66 -17.11
N GLN A 191 -25.54 12.23 -17.02
CA GLN A 191 -24.61 12.50 -18.13
C GLN A 191 -25.08 11.82 -19.41
N LYS A 192 -25.50 10.56 -19.30
CA LYS A 192 -25.99 9.84 -20.47
C LYS A 192 -27.23 10.51 -21.06
N TRP A 193 -28.12 11.00 -20.21
CA TRP A 193 -29.36 11.64 -20.63
C TRP A 193 -29.11 13.01 -21.24
N LYS A 194 -28.13 13.73 -20.71
CA LYS A 194 -27.81 15.05 -21.22
C LYS A 194 -27.04 14.95 -22.52
N ASP A 195 -26.14 13.97 -22.62
CA ASP A 195 -25.43 13.71 -23.87
C ASP A 195 -26.37 13.17 -24.95
N THR A 196 -27.33 12.35 -24.55
CA THR A 196 -28.35 11.89 -25.48
C THR A 196 -29.21 13.07 -25.91
N GLN A 197 -29.23 13.33 -27.22
CA GLN A 197 -29.69 14.62 -27.73
C GLN A 197 -31.15 14.92 -27.42
N ASN A 198 -31.92 13.95 -26.90
CA ASN A 198 -33.29 14.22 -26.50
C ASN A 198 -33.35 15.09 -25.24
N ALA A 199 -32.46 14.83 -24.28
CA ALA A 199 -32.10 15.77 -23.20
C ALA A 199 -33.28 16.32 -22.41
N SER A 200 -34.44 15.66 -22.43
CA SER A 200 -35.62 16.24 -21.77
C SER A 200 -36.54 15.22 -21.11
N GLN A 201 -36.17 13.94 -21.10
CA GLN A 201 -37.06 12.89 -20.63
C GLN A 201 -37.19 12.92 -19.10
N ASN A 202 -37.91 11.92 -18.58
CA ASN A 202 -38.33 11.91 -17.19
C ASN A 202 -37.13 11.74 -16.25
N LYS A 203 -37.06 12.62 -15.23
CA LYS A 203 -36.10 12.43 -14.15
C LYS A 203 -36.37 11.13 -13.41
N ILE A 204 -37.63 10.71 -13.35
CA ILE A 204 -37.99 9.46 -12.71
C ILE A 204 -37.33 8.29 -13.42
N LYS A 205 -37.27 8.33 -14.75
CA LYS A 205 -36.65 7.26 -15.51
C LYS A 205 -35.14 7.25 -15.31
N ILE A 206 -34.53 8.43 -15.24
CA ILE A 206 -33.10 8.53 -14.91
C ILE A 206 -32.82 7.89 -13.56
N VAL A 207 -33.63 8.25 -12.55
CA VAL A 207 -33.48 7.66 -11.21
C VAL A 207 -33.70 6.16 -11.26
N GLY A 208 -34.70 5.72 -12.01
CA GLY A 208 -35.05 4.31 -12.03
C GLY A 208 -33.97 3.47 -12.66
N LEU A 209 -33.41 3.93 -13.77
CA LEU A 209 -32.36 3.16 -14.44
C LEU A 209 -31.08 3.13 -13.60
N GLY A 210 -30.74 4.24 -12.96
CA GLY A 210 -29.63 4.22 -12.02
C GLY A 210 -29.84 3.20 -10.90
N LEU A 211 -31.01 3.23 -10.30
CA LEU A 211 -31.33 2.29 -9.21
C LEU A 211 -31.38 0.85 -9.71
N LEU A 212 -31.78 0.66 -10.97
CA LEU A 212 -31.85 -0.68 -11.53
C LEU A 212 -30.48 -1.30 -11.66
N ARG A 213 -29.47 -0.53 -12.06
CA ARG A 213 -28.14 -1.14 -12.12
C ARG A 213 -27.65 -1.57 -10.74
N VAL A 214 -28.05 -0.86 -9.68
CA VAL A 214 -27.72 -1.28 -8.33
C VAL A 214 -28.43 -2.58 -7.98
N LEU A 215 -29.71 -2.68 -8.33
CA LEU A 215 -30.45 -3.89 -7.99
C LEU A 215 -30.01 -5.09 -8.82
N GLN A 216 -29.55 -4.87 -10.06
CA GLN A 216 -29.07 -5.95 -10.91
C GLN A 216 -27.66 -6.38 -10.56
N ASN A 217 -26.97 -5.65 -9.71
CA ASN A 217 -25.63 -6.01 -9.31
C ASN A 217 -25.67 -7.27 -8.46
N PRO A 218 -24.91 -8.32 -8.81
CA PRO A 218 -24.98 -9.58 -8.06
C PRO A 218 -24.75 -9.42 -6.56
N ILE A 219 -24.02 -8.39 -6.15
CA ILE A 219 -23.79 -8.13 -4.74
C ILE A 219 -25.11 -7.84 -4.02
N VAL A 220 -25.80 -6.78 -4.42
CA VAL A 220 -27.02 -6.38 -3.72
C VAL A 220 -28.17 -7.33 -4.01
N PHE A 221 -28.29 -7.77 -5.26
CA PHE A 221 -29.15 -8.87 -5.68
C PHE A 221 -29.09 -10.04 -4.69
N MET A 222 -27.90 -10.65 -4.56
CA MET A 222 -27.76 -11.82 -3.72
C MET A 222 -27.87 -11.48 -2.24
N VAL A 223 -27.54 -10.26 -1.84
CA VAL A 223 -27.70 -9.92 -0.43
C VAL A 223 -29.18 -9.88 -0.05
N PHE A 224 -30.02 -9.28 -0.90
CA PHE A 224 -31.47 -9.34 -0.67
C PHE A 224 -31.96 -10.78 -0.62
N ILE A 225 -31.55 -11.58 -1.60
CA ILE A 225 -31.97 -12.98 -1.66
C ILE A 225 -31.52 -13.76 -0.43
N GLY A 226 -30.29 -13.52 0.01
CA GLY A 226 -29.74 -14.25 1.14
C GLY A 226 -30.31 -13.81 2.46
N ILE A 227 -30.67 -12.53 2.59
CA ILE A 227 -31.35 -12.07 3.79
C ILE A 227 -32.74 -12.69 3.87
N ALA A 228 -33.39 -12.89 2.73
CA ALA A 228 -34.67 -13.61 2.75
C ALA A 228 -34.47 -15.05 3.23
N PHE A 229 -33.50 -15.74 2.64
CA PHE A 229 -33.24 -17.13 3.04
C PHE A 229 -32.78 -17.22 4.50
N ASN A 230 -32.20 -16.14 5.04
CA ASN A 230 -31.85 -16.09 6.46
C ASN A 230 -33.03 -16.48 7.33
N PHE A 231 -34.17 -15.81 7.13
CA PHE A 231 -35.36 -16.10 7.92
C PHE A 231 -36.04 -17.38 7.47
N ILE A 232 -36.06 -17.64 6.15
CA ILE A 232 -36.75 -18.83 5.66
C ILE A 232 -36.09 -20.11 6.17
N LEU A 233 -34.80 -20.06 6.49
CA LEU A 233 -34.08 -21.19 7.04
C LEU A 233 -33.69 -21.00 8.50
N ASP A 234 -34.03 -19.85 9.10
CA ASP A 234 -33.62 -19.45 10.46
C ASP A 234 -32.13 -19.70 10.69
N ARG A 235 -31.34 -19.24 9.73
CA ARG A 235 -29.88 -19.16 9.72
C ARG A 235 -29.18 -20.51 9.56
N LYS A 236 -29.89 -21.55 9.11
CA LYS A 236 -29.30 -22.88 8.91
C LYS A 236 -29.34 -23.25 7.43
N VAL A 237 -28.17 -23.26 6.79
CA VAL A 237 -28.05 -23.79 5.43
C VAL A 237 -28.12 -25.32 5.50
N PRO A 238 -28.96 -25.98 4.70
CA PRO A 238 -28.96 -27.44 4.72
C PRO A 238 -27.62 -27.99 4.25
N VAL A 239 -27.23 -29.13 4.81
CA VAL A 239 -25.84 -29.59 4.74
C VAL A 239 -25.34 -29.69 3.30
N TYR A 240 -26.16 -30.25 2.41
CA TYR A 240 -25.74 -30.41 1.01
C TYR A 240 -25.56 -29.04 0.36
N VAL A 241 -26.46 -28.11 0.64
CA VAL A 241 -26.28 -26.74 0.16
C VAL A 241 -25.04 -26.12 0.78
N GLU A 242 -24.78 -26.39 2.06
CA GLU A 242 -23.64 -25.79 2.74
C GLU A 242 -22.33 -26.21 2.08
N ASN A 243 -22.19 -27.50 1.77
CA ASN A 243 -20.95 -27.97 1.14
C ASN A 243 -20.83 -27.46 -0.30
N PHE A 244 -21.94 -27.39 -1.03
CA PHE A 244 -21.89 -26.83 -2.38
C PHE A 244 -21.49 -25.35 -2.35
N LEU A 245 -22.11 -24.58 -1.47
CA LEU A 245 -21.80 -23.17 -1.34
C LEU A 245 -20.38 -22.95 -0.85
N ASP A 246 -19.86 -23.85 -0.01
CA ASP A 246 -18.48 -23.73 0.44
C ASP A 246 -17.52 -23.96 -0.72
N GLY A 247 -17.75 -25.01 -1.50
CA GLY A 247 -16.89 -25.26 -2.64
C GLY A 247 -16.81 -24.07 -3.57
N LEU A 248 -17.96 -23.44 -3.84
CA LEU A 248 -17.95 -22.29 -4.75
C LEU A 248 -17.43 -21.03 -4.07
N GLY A 249 -17.96 -20.70 -2.90
CA GLY A 249 -17.67 -19.42 -2.28
C GLY A 249 -16.23 -19.28 -1.87
N ASN A 250 -15.63 -20.34 -1.35
CA ASN A 250 -14.24 -20.22 -0.90
C ASN A 250 -13.30 -19.98 -2.07
N SER A 251 -13.68 -20.43 -3.27
CA SER A 251 -12.86 -20.16 -4.44
C SER A 251 -12.93 -18.71 -4.88
N PHE A 252 -13.85 -17.91 -4.34
CA PHE A 252 -13.98 -16.55 -4.83
C PHE A 252 -12.74 -15.72 -4.54
N SER A 253 -12.14 -15.86 -3.36
CA SER A 253 -10.99 -15.02 -3.03
C SER A 253 -9.87 -15.20 -4.06
N GLY A 254 -9.37 -16.43 -4.20
CA GLY A 254 -8.27 -16.67 -5.11
C GLY A 254 -8.61 -16.36 -6.56
N SER A 255 -9.80 -16.77 -6.99
CA SER A 255 -10.18 -16.60 -8.38
C SER A 255 -10.43 -15.14 -8.72
N ALA A 256 -11.04 -14.39 -7.80
CA ALA A 256 -11.26 -12.97 -8.00
C ALA A 256 -9.94 -12.23 -8.14
N LEU A 257 -8.99 -12.55 -7.26
CA LEU A 257 -7.69 -11.88 -7.36
C LEU A 257 -6.95 -12.27 -8.65
N PHE A 258 -7.14 -13.50 -9.14
CA PHE A 258 -6.49 -13.89 -10.38
C PHE A 258 -7.13 -13.19 -11.59
N TYR A 259 -8.47 -13.08 -11.62
CA TYR A 259 -9.11 -12.35 -12.71
C TYR A 259 -8.79 -10.88 -12.65
N LEU A 260 -8.59 -10.35 -11.45
CA LEU A 260 -8.09 -8.99 -11.31
C LEU A 260 -6.72 -8.86 -11.96
N GLY A 261 -5.84 -9.84 -11.72
CA GLY A 261 -4.56 -9.85 -12.41
C GLY A 261 -4.69 -9.87 -13.92
N LEU A 262 -5.59 -10.70 -14.45
CA LEU A 262 -5.78 -10.74 -15.89
C LEU A 262 -6.29 -9.40 -16.42
N THR A 263 -7.26 -8.79 -15.73
CA THR A 263 -7.83 -7.53 -16.20
C THR A 263 -6.88 -6.35 -15.99
N MET A 264 -5.81 -6.52 -15.22
CA MET A 264 -4.81 -5.47 -15.13
C MET A 264 -3.90 -5.38 -16.35
N VAL A 265 -3.95 -6.35 -17.28
CA VAL A 265 -3.01 -6.39 -18.38
C VAL A 265 -3.12 -5.13 -19.21
N GLY A 266 -2.06 -4.33 -19.21
CA GLY A 266 -1.98 -3.11 -20.00
C GLY A 266 -2.97 -2.03 -19.59
N LYS A 267 -3.73 -2.29 -18.54
CA LYS A 267 -4.88 -1.44 -18.24
C LYS A 267 -4.50 -0.11 -17.60
N ILE A 268 -3.26 0.08 -17.17
CA ILE A 268 -2.84 1.39 -16.69
C ILE A 268 -2.31 2.18 -17.88
N LYS A 269 -3.17 2.46 -18.86
CA LYS A 269 -2.73 3.24 -20.00
C LYS A 269 -2.36 4.65 -19.55
N ARG A 270 -1.25 5.16 -20.09
CA ARG A 270 -0.58 6.36 -19.61
C ARG A 270 -1.51 7.57 -19.54
N LEU A 271 -1.90 7.96 -18.33
CA LEU A 271 -2.84 9.04 -18.15
C LEU A 271 -2.22 10.39 -18.51
N LYS A 272 -3.06 11.30 -19.00
CA LYS A 272 -2.69 12.70 -19.07
C LYS A 272 -2.29 13.16 -17.68
N LYS A 273 -1.37 14.13 -17.62
CA LYS A 273 -0.88 14.58 -16.33
C LYS A 273 -1.99 15.20 -15.48
N SER A 274 -2.94 15.89 -16.11
CA SER A 274 -4.07 16.44 -15.38
C SER A 274 -4.95 15.33 -14.80
N ALA A 275 -5.15 14.26 -15.56
CA ALA A 275 -5.82 13.09 -15.02
C ALA A 275 -5.03 12.45 -13.89
N PHE A 276 -3.69 12.48 -13.96
CA PHE A 276 -2.88 11.94 -12.88
C PHE A 276 -3.08 12.75 -11.59
N VAL A 277 -3.24 14.07 -11.72
CA VAL A 277 -3.52 14.91 -10.55
C VAL A 277 -4.87 14.55 -9.93
N VAL A 278 -5.90 14.48 -10.77
CA VAL A 278 -7.22 14.05 -10.29
C VAL A 278 -7.13 12.71 -9.57
N LEU A 279 -6.33 11.79 -10.12
CA LEU A 279 -6.24 10.45 -9.58
C LEU A 279 -5.48 10.42 -8.26
N ILE A 280 -4.44 11.23 -8.13
CA ILE A 280 -3.74 11.31 -6.84
C ILE A 280 -4.71 11.74 -5.76
N LEU A 281 -5.55 12.73 -6.06
CA LEU A 281 -6.54 13.16 -5.07
C LEU A 281 -7.54 12.04 -4.75
N LEU A 282 -7.99 11.32 -5.77
CA LEU A 282 -9.02 10.29 -5.54
C LEU A 282 -8.46 9.09 -4.79
N ILE A 283 -7.23 8.68 -5.10
CA ILE A 283 -6.61 7.59 -4.37
C ILE A 283 -6.31 8.02 -2.94
N THR A 284 -5.95 9.28 -2.73
CA THR A 284 -5.81 9.79 -1.37
C THR A 284 -7.15 9.76 -0.64
N ALA A 285 -8.24 10.14 -1.33
CA ALA A 285 -9.56 10.03 -0.73
C ALA A 285 -9.81 8.62 -0.23
N LYS A 286 -9.77 7.65 -1.14
CA LYS A 286 -10.12 6.28 -0.78
C LYS A 286 -9.19 5.70 0.28
N LEU A 287 -7.89 5.97 0.20
CA LEU A 287 -6.94 5.23 1.01
C LEU A 287 -6.42 5.99 2.22
N LEU A 288 -6.72 7.28 2.35
CA LEU A 288 -6.32 8.05 3.52
C LEU A 288 -7.50 8.79 4.11
N VAL A 289 -8.29 9.52 3.31
CA VAL A 289 -9.35 10.34 3.89
C VAL A 289 -10.43 9.42 4.44
N LEU A 290 -10.86 8.46 3.63
CA LEU A 290 -11.91 7.55 4.06
C LEU A 290 -11.51 6.73 5.28
N PRO A 291 -10.33 6.12 5.36
CA PRO A 291 -9.99 5.39 6.60
C PRO A 291 -9.84 6.29 7.82
N LEU A 292 -9.25 7.47 7.67
CA LEU A 292 -9.23 8.43 8.78
C LEU A 292 -10.65 8.80 9.20
N LEU A 293 -11.51 9.09 8.23
CA LEU A 293 -12.87 9.48 8.52
C LEU A 293 -13.63 8.34 9.18
N CYS A 294 -13.38 7.11 8.73
CA CYS A 294 -14.01 5.94 9.34
C CYS A 294 -13.58 5.81 10.79
N ARG A 295 -12.29 5.96 11.05
CA ARG A 295 -11.79 5.89 12.42
C ARG A 295 -12.47 6.94 13.28
N GLU A 296 -12.49 8.18 12.81
CA GLU A 296 -13.15 9.26 13.55
C GLU A 296 -14.63 8.98 13.78
N MET A 297 -15.31 8.43 12.76
CA MET A 297 -16.72 8.15 12.88
C MET A 297 -16.98 7.07 13.93
N VAL A 298 -16.17 6.00 13.92
CA VAL A 298 -16.34 4.96 14.92
C VAL A 298 -16.07 5.52 16.32
N GLU A 299 -15.09 6.41 16.44
CA GLU A 299 -14.83 7.02 17.73
C GLU A 299 -16.01 7.88 18.20
N LEU A 300 -16.69 8.53 17.26
CA LEU A 300 -17.84 9.37 17.61
C LEU A 300 -19.07 8.54 17.94
N LEU A 301 -19.30 7.45 17.20
CA LEU A 301 -20.56 6.74 17.23
C LEU A 301 -20.55 5.51 18.13
N ASP A 302 -19.39 4.88 18.34
CA ASP A 302 -19.34 3.79 19.29
C ASP A 302 -19.20 4.33 20.71
N LYS A 303 -19.95 3.72 21.63
CA LYS A 303 -19.90 4.05 23.04
C LYS A 303 -19.94 2.78 23.89
N GLY A 304 -19.35 1.70 23.36
CA GLY A 304 -19.35 0.40 24.02
C GLY A 304 -18.55 0.39 25.30
N ASP A 305 -18.48 -0.81 25.90
CA ASP A 305 -18.18 -0.94 27.32
C ASP A 305 -16.69 -0.81 27.67
N SER A 306 -15.78 -1.12 26.74
CA SER A 306 -14.37 -1.14 27.10
C SER A 306 -13.51 -0.48 26.03
N VAL A 307 -12.42 0.14 26.49
CA VAL A 307 -11.51 0.84 25.58
C VAL A 307 -10.80 -0.15 24.67
N VAL A 308 -10.60 -1.39 25.10
CA VAL A 308 -9.91 -2.35 24.24
C VAL A 308 -10.77 -2.71 23.06
N ASN A 309 -12.03 -3.10 23.30
CA ASN A 309 -12.93 -3.40 22.19
C ASN A 309 -13.18 -2.16 21.34
N HIS A 310 -13.27 -0.99 21.97
CA HIS A 310 -13.46 0.25 21.21
C HIS A 310 -12.26 0.55 20.32
N THR A 311 -11.04 0.40 20.85
CA THR A 311 -9.83 0.63 20.08
C THR A 311 -9.71 -0.39 18.96
N SER A 312 -10.09 -1.63 19.22
CA SER A 312 -10.03 -2.65 18.19
C SER A 312 -11.03 -2.35 17.06
N LEU A 313 -12.22 -1.91 17.42
CA LEU A 313 -13.22 -1.55 16.42
C LEU A 313 -12.80 -0.30 15.65
N SER A 314 -12.19 0.67 16.34
CA SER A 314 -11.67 1.87 15.70
C SER A 314 -10.57 1.53 14.70
N ASN A 315 -9.64 0.67 15.11
CA ASN A 315 -8.56 0.26 14.22
C ASN A 315 -9.08 -0.59 13.07
N TYR A 316 -10.11 -1.41 13.30
CA TYR A 316 -10.75 -2.13 12.20
C TYR A 316 -11.40 -1.16 11.22
N ALA A 317 -12.01 -0.08 11.73
CA ALA A 317 -12.58 0.91 10.83
C ALA A 317 -11.53 1.50 9.91
N PHE A 318 -10.36 1.83 10.48
CA PHE A 318 -9.29 2.34 9.63
C PHE A 318 -8.87 1.30 8.59
N LEU A 319 -8.68 0.05 9.02
CA LEU A 319 -8.32 -1.00 8.07
C LEU A 319 -9.37 -1.14 6.98
N TYR A 320 -10.64 -0.93 7.32
CA TYR A 320 -11.70 -1.01 6.31
C TYR A 320 -11.52 0.07 5.27
N GLY A 321 -11.26 1.30 5.71
CA GLY A 321 -11.09 2.38 4.76
C GLY A 321 -10.03 2.12 3.71
N VAL A 322 -8.99 1.36 4.04
CA VAL A 322 -7.80 1.28 3.20
C VAL A 322 -7.97 0.30 2.04
N PHE A 323 -9.09 -0.41 1.99
CA PHE A 323 -9.26 -1.40 0.94
C PHE A 323 -9.30 -0.71 -0.42
N PRO A 324 -8.66 -1.28 -1.45
CA PRO A 324 -8.58 -0.61 -2.75
C PRO A 324 -9.93 -0.52 -3.44
N VAL A 325 -9.98 0.30 -4.49
CA VAL A 325 -11.22 0.51 -5.23
C VAL A 325 -11.72 -0.82 -5.79
N ALA A 326 -13.04 -1.01 -5.76
CA ALA A 326 -13.64 -2.24 -6.23
C ALA A 326 -13.48 -2.36 -7.75
N PRO A 327 -13.09 -3.52 -8.26
CA PRO A 327 -13.08 -3.72 -9.73
C PRO A 327 -14.44 -3.50 -10.38
N GLY A 328 -15.51 -3.68 -9.61
CA GLY A 328 -16.82 -3.33 -10.11
C GLY A 328 -16.94 -1.89 -10.56
N VAL A 329 -16.13 -0.99 -10.00
CA VAL A 329 -16.21 0.41 -10.39
C VAL A 329 -15.71 0.60 -11.83
N ALA A 330 -14.65 -0.11 -12.19
CA ALA A 330 -14.22 -0.13 -13.59
C ALA A 330 -15.28 -0.74 -14.47
N ILE A 331 -15.96 -1.78 -13.98
CA ILE A 331 -17.05 -2.36 -14.77
C ILE A 331 -18.17 -1.34 -14.99
N PHE A 332 -18.49 -0.54 -13.97
CA PHE A 332 -19.51 0.49 -14.13
C PHE A 332 -19.09 1.53 -15.17
N ALA A 333 -17.84 2.01 -15.08
CA ALA A 333 -17.34 2.95 -16.06
C ALA A 333 -17.40 2.38 -17.49
N THR A 334 -17.12 1.08 -17.63
CA THR A 334 -17.20 0.43 -18.93
C THR A 334 -18.64 0.31 -19.41
N GLN A 335 -19.56 0.04 -18.49
CA GLN A 335 -20.96 -0.11 -18.87
C GLN A 335 -21.57 1.22 -19.29
N PHE A 336 -21.17 2.31 -18.64
CA PHE A 336 -21.58 3.63 -19.08
C PHE A 336 -20.80 4.10 -20.30
N ASN A 337 -19.75 3.38 -20.68
CA ASN A 337 -18.83 3.76 -21.76
C ASN A 337 -18.14 5.07 -21.46
N MET A 338 -18.05 5.44 -20.19
CA MET A 338 -17.63 6.75 -19.73
C MET A 338 -16.41 6.64 -18.84
N GLU A 339 -15.34 7.34 -19.20
CA GLU A 339 -14.27 7.69 -18.25
C GLU A 339 -13.54 6.45 -17.75
N VAL A 340 -13.42 5.46 -18.63
CA VAL A 340 -12.74 4.21 -18.32
C VAL A 340 -11.27 4.45 -17.99
N GLU A 341 -10.67 5.47 -18.59
CA GLU A 341 -9.22 5.64 -18.46
C GLU A 341 -8.83 5.95 -17.02
N ILE A 342 -9.38 7.02 -16.45
CA ILE A 342 -9.09 7.35 -15.06
C ILE A 342 -9.50 6.21 -14.14
N ILE A 343 -10.68 5.63 -14.37
CA ILE A 343 -11.23 4.70 -13.39
C ILE A 343 -10.48 3.36 -13.42
N THR A 344 -10.20 2.82 -14.60
CA THR A 344 -9.44 1.57 -14.65
C THR A 344 -8.02 1.78 -14.14
N SER A 345 -7.34 2.82 -14.63
CA SER A 345 -5.99 3.11 -14.15
C SER A 345 -5.98 3.29 -12.65
N GLY A 346 -6.97 3.99 -12.11
CA GLY A 346 -6.99 4.27 -10.70
C GLY A 346 -7.33 3.05 -9.87
N MET A 347 -8.21 2.19 -10.37
CA MET A 347 -8.48 0.94 -9.68
C MET A 347 -7.22 0.09 -9.58
N VAL A 348 -6.47 -0.01 -10.69
CA VAL A 348 -5.26 -0.83 -10.68
C VAL A 348 -4.21 -0.23 -9.75
N ILE A 349 -3.96 1.07 -9.89
CA ILE A 349 -2.97 1.75 -9.04
C ILE A 349 -3.39 1.66 -7.58
N SER A 350 -4.67 1.86 -7.30
CA SER A 350 -5.16 1.81 -5.92
C SER A 350 -5.01 0.42 -5.33
N THR A 351 -5.28 -0.61 -6.14
CA THR A 351 -5.01 -1.98 -5.71
C THR A 351 -3.59 -2.11 -5.18
N PHE A 352 -2.62 -1.67 -5.97
CA PHE A 352 -1.24 -1.86 -5.55
C PHE A 352 -0.83 -0.91 -4.42
N VAL A 353 -1.34 0.33 -4.42
CA VAL A 353 -0.98 1.31 -3.39
C VAL A 353 -1.61 0.94 -2.05
N SER A 354 -2.69 0.16 -2.05
CA SER A 354 -3.30 -0.28 -0.81
C SER A 354 -2.42 -1.27 -0.06
N ALA A 355 -1.59 -2.04 -0.77
CA ALA A 355 -0.69 -2.97 -0.08
C ALA A 355 0.31 -2.25 0.82
N PRO A 356 1.09 -1.26 0.36
CA PRO A 356 1.91 -0.51 1.30
C PRO A 356 1.11 0.13 2.41
N ILE A 357 0.02 0.83 2.07
CA ILE A 357 -0.66 1.61 3.08
C ILE A 357 -1.34 0.70 4.09
N MET A 358 -1.80 -0.48 3.68
CA MET A 358 -2.36 -1.41 4.65
C MET A 358 -1.28 -1.94 5.59
N TYR A 359 -0.16 -2.38 5.05
CA TYR A 359 0.89 -2.89 5.94
C TYR A 359 1.35 -1.81 6.92
N VAL A 360 1.62 -0.61 6.38
CA VAL A 360 2.05 0.54 7.17
C VAL A 360 1.01 0.88 8.23
N SER A 361 -0.25 1.07 7.81
CA SER A 361 -1.31 1.54 8.69
C SER A 361 -1.62 0.53 9.78
N ALA A 362 -1.68 -0.75 9.43
CA ALA A 362 -1.99 -1.76 10.43
C ALA A 362 -0.94 -1.80 11.52
N TRP A 363 0.34 -1.84 11.14
CA TRP A 363 1.36 -1.86 12.17
C TRP A 363 1.40 -0.56 12.97
N LEU A 364 1.25 0.57 12.27
CA LEU A 364 1.30 1.87 12.93
C LEU A 364 0.19 2.00 13.96
N LEU A 365 -1.02 1.52 13.62
CA LEU A 365 -2.13 1.57 14.55
C LEU A 365 -1.94 0.62 15.73
N THR A 366 -1.18 -0.46 15.52
CA THR A 366 -0.95 -1.41 16.60
C THR A 366 0.04 -0.88 17.65
N PHE A 367 1.03 -0.10 17.22
CA PHE A 367 2.10 0.30 18.15
C PHE A 367 1.66 0.98 19.46
N PRO A 368 0.66 1.86 19.50
CA PRO A 368 0.34 2.54 20.78
C PRO A 368 -0.08 1.61 21.91
N THR A 369 -0.37 0.35 21.62
CA THR A 369 -0.78 -0.61 22.62
C THR A 369 0.37 -1.42 23.20
N MET A 370 1.54 -1.40 22.57
CA MET A 370 2.62 -2.33 22.89
C MET A 370 3.60 -1.71 23.90
N ASP A 371 4.10 -2.55 24.81
CA ASP A 371 5.14 -2.14 25.74
C ASP A 371 6.48 -2.00 25.01
N PRO A 372 7.46 -1.31 25.61
CA PRO A 372 8.73 -1.05 24.89
C PRO A 372 9.44 -2.28 24.35
N LYS A 373 9.52 -3.38 25.10
CA LYS A 373 10.17 -4.58 24.58
C LYS A 373 9.37 -5.21 23.43
N PRO A 374 8.07 -5.50 23.58
CA PRO A 374 7.30 -5.96 22.42
C PRO A 374 7.37 -5.03 21.23
N LEU A 375 7.45 -3.73 21.48
CA LEU A 375 7.53 -2.75 20.41
C LEU A 375 8.83 -2.87 19.62
N ALA A 376 9.95 -3.17 20.29
CA ALA A 376 11.18 -3.43 19.56
C ALA A 376 11.04 -4.66 18.67
N TYR A 377 10.42 -5.72 19.20
CA TYR A 377 10.16 -6.89 18.34
C TYR A 377 9.26 -6.50 17.16
N ALA A 378 8.31 -5.59 17.38
CA ALA A 378 7.38 -5.18 16.34
C ALA A 378 8.10 -4.49 15.19
N ILE A 379 9.00 -3.57 15.50
CA ILE A 379 9.71 -2.87 14.44
C ILE A 379 10.68 -3.81 13.73
N GLN A 380 11.27 -4.79 14.44
CA GLN A 380 12.11 -5.75 13.72
C GLN A 380 11.27 -6.66 12.82
N ASN A 381 10.04 -6.98 13.22
CA ASN A 381 9.14 -7.74 12.35
C ASN A 381 8.82 -6.95 11.09
N VAL A 382 8.46 -5.67 11.26
CA VAL A 382 8.22 -4.79 10.11
C VAL A 382 9.44 -4.74 9.20
N SER A 383 10.62 -4.58 9.79
CA SER A 383 11.86 -4.49 9.03
C SER A 383 12.11 -5.77 8.23
N PHE A 384 11.90 -6.92 8.87
CA PHE A 384 12.09 -8.20 8.19
C PHE A 384 11.17 -8.34 6.99
N ASP A 385 9.89 -8.00 7.17
CA ASP A 385 8.92 -8.13 6.09
C ASP A 385 9.23 -7.20 4.92
N ILE A 386 9.45 -5.93 5.24
CA ILE A 386 9.79 -4.95 4.21
C ILE A 386 11.09 -5.36 3.53
N SER A 387 12.00 -6.00 4.27
CA SER A 387 13.27 -6.43 3.68
C SER A 387 13.06 -7.54 2.66
N ILE A 388 12.18 -8.49 2.94
CA ILE A 388 11.91 -9.53 1.94
C ILE A 388 11.44 -8.91 0.64
N VAL A 389 10.38 -8.09 0.73
CA VAL A 389 9.78 -7.62 -0.52
C VAL A 389 10.69 -6.58 -1.19
N SER A 390 11.43 -5.81 -0.40
CA SER A 390 12.40 -4.87 -0.93
C SER A 390 13.58 -5.58 -1.59
N LEU A 391 14.05 -6.68 -0.99
CA LEU A 391 15.15 -7.42 -1.59
C LEU A 391 14.74 -8.06 -2.90
N ILE A 392 13.49 -8.52 -2.99
CA ILE A 392 13.01 -9.04 -4.26
C ILE A 392 12.99 -7.94 -5.32
N SER A 393 12.47 -6.76 -4.94
CA SER A 393 12.46 -5.64 -5.89
C SER A 393 13.88 -5.23 -6.29
N LEU A 394 14.82 -5.31 -5.36
CA LEU A 394 16.19 -4.93 -5.64
C LEU A 394 16.90 -5.95 -6.50
N ILE A 395 16.65 -7.24 -6.26
CA ILE A 395 17.23 -8.27 -7.10
C ILE A 395 16.72 -8.12 -8.52
N TRP A 396 15.43 -7.83 -8.67
CA TRP A 396 14.89 -7.56 -10.01
C TRP A 396 15.53 -6.32 -10.64
N SER A 397 15.62 -5.23 -9.88
CA SER A 397 16.20 -3.98 -10.41
C SER A 397 17.67 -4.15 -10.76
N LEU A 398 18.43 -4.82 -9.89
CA LEU A 398 19.81 -5.16 -10.17
C LEU A 398 19.90 -5.97 -11.45
N ALA A 399 19.12 -7.05 -11.55
CA ALA A 399 19.17 -7.90 -12.72
C ALA A 399 18.89 -7.11 -13.98
N ILE A 400 17.97 -6.15 -13.91
CA ILE A 400 17.72 -5.28 -15.06
C ILE A 400 18.96 -4.46 -15.39
N LEU A 401 19.50 -3.73 -14.41
CA LEU A 401 20.65 -2.87 -14.67
C LEU A 401 21.87 -3.67 -15.14
N LEU A 402 22.00 -4.91 -14.65
CA LEU A 402 23.14 -5.74 -15.01
C LEU A 402 22.96 -6.32 -16.42
N LEU A 403 21.80 -6.91 -16.70
CA LEU A 403 21.56 -7.49 -18.02
C LEU A 403 21.40 -6.41 -19.08
N SER A 404 20.88 -5.23 -18.70
CA SER A 404 20.93 -4.09 -19.58
C SER A 404 22.36 -3.64 -19.86
N LYS A 405 23.29 -4.03 -19.00
CA LYS A 405 24.69 -3.65 -19.04
C LYS A 405 24.86 -2.13 -18.91
N LYS A 406 23.73 -1.45 -18.62
CA LYS A 406 23.76 -0.04 -18.27
C LYS A 406 24.56 0.21 -17.00
N TYR A 407 24.85 -0.82 -16.22
CA TYR A 407 25.69 -0.64 -15.03
C TYR A 407 27.09 -0.13 -15.37
N LYS A 408 27.46 -0.13 -16.66
CA LYS A 408 28.76 0.43 -17.04
C LYS A 408 28.74 1.94 -17.10
N GLN A 409 27.60 2.55 -17.34
CA GLN A 409 27.54 3.99 -17.64
C GLN A 409 27.82 4.81 -16.38
N LEU A 410 28.51 5.94 -16.57
CA LEU A 410 29.15 6.63 -15.45
C LEU A 410 28.22 7.00 -14.30
N PRO A 411 26.97 7.47 -14.52
CA PRO A 411 26.06 7.70 -13.38
C PRO A 411 25.35 6.44 -12.90
N HIS A 412 25.24 5.43 -13.76
CA HIS A 412 24.51 4.22 -13.41
C HIS A 412 25.37 3.18 -12.71
N MET A 413 26.68 3.18 -12.97
CA MET A 413 27.60 2.36 -12.18
C MET A 413 27.43 2.63 -10.68
N LEU A 414 27.27 3.90 -10.33
CA LEU A 414 27.12 4.27 -8.93
C LEU A 414 25.74 3.87 -8.39
N THR A 415 24.69 4.03 -9.20
CA THR A 415 23.38 3.54 -8.77
C THR A 415 23.40 2.03 -8.57
N THR A 416 24.14 1.30 -9.40
CA THR A 416 24.28 -0.14 -9.23
C THR A 416 24.92 -0.46 -7.89
N ASN A 417 25.97 0.27 -7.55
CA ASN A 417 26.59 0.05 -6.23
C ASN A 417 25.61 0.37 -5.11
N LEU A 418 24.79 1.41 -5.27
CA LEU A 418 23.75 1.69 -4.29
C LEU A 418 22.74 0.54 -4.19
N LEU A 419 22.40 -0.08 -5.32
CA LEU A 419 21.44 -1.18 -5.27
C LEU A 419 22.04 -2.40 -4.60
N ILE A 420 23.34 -2.63 -4.80
CA ILE A 420 24.03 -3.69 -4.08
C ILE A 420 24.06 -3.40 -2.58
N ALA A 421 24.31 -2.14 -2.22
CA ALA A 421 24.31 -1.75 -0.82
C ALA A 421 22.92 -1.92 -0.20
N GLN A 422 21.88 -1.53 -0.93
CA GLN A 422 20.52 -1.75 -0.46
C GLN A 422 20.20 -3.23 -0.34
N SER A 423 20.68 -4.05 -1.28
CA SER A 423 20.47 -5.49 -1.19
C SER A 423 21.16 -6.07 0.03
N ILE A 424 22.39 -5.61 0.32
CA ILE A 424 23.09 -6.11 1.50
C ILE A 424 22.42 -5.59 2.78
N VAL A 425 21.80 -4.41 2.74
CA VAL A 425 20.97 -3.97 3.86
C VAL A 425 19.84 -4.95 4.10
N CYS A 426 19.06 -5.21 3.06
CA CYS A 426 17.89 -6.07 3.23
C CYS A 426 18.30 -7.48 3.61
N ALA A 427 19.39 -7.98 3.02
CA ALA A 427 19.88 -9.31 3.35
C ALA A 427 20.41 -9.37 4.77
N GLY A 428 21.11 -8.32 5.20
CA GLY A 428 21.60 -8.30 6.55
C GLY A 428 20.48 -8.19 7.57
N MET A 429 19.41 -7.50 7.20
CA MET A 429 18.23 -7.45 8.06
C MET A 429 17.57 -8.82 8.16
N MET A 430 17.43 -9.50 7.03
CA MET A 430 16.84 -10.85 7.05
C MET A 430 17.69 -11.80 7.87
N ILE A 431 19.01 -11.80 7.65
CA ILE A 431 19.90 -12.64 8.44
C ILE A 431 19.88 -12.22 9.90
N TRP A 432 19.77 -10.92 10.16
CA TRP A 432 19.80 -10.42 11.53
C TRP A 432 18.58 -10.87 12.32
N ASN A 433 17.41 -10.88 11.68
CA ASN A 433 16.20 -11.27 12.40
C ASN A 433 16.34 -12.66 13.00
N PHE A 434 17.11 -13.54 12.35
CA PHE A 434 17.38 -14.85 12.94
C PHE A 434 18.57 -14.79 13.88
N VAL A 435 19.65 -14.12 13.46
CA VAL A 435 20.92 -14.21 14.15
C VAL A 435 20.91 -13.48 15.50
N LYS A 436 19.96 -12.55 15.72
CA LYS A 436 19.94 -11.85 17.01
C LYS A 436 19.68 -12.80 18.19
N GLU A 437 19.25 -14.02 17.92
CA GLU A 437 19.14 -15.04 18.97
C GLU A 437 20.39 -15.89 19.08
N LYS A 438 21.12 -16.06 17.98
CA LYS A 438 22.23 -16.98 17.90
C LYS A 438 23.51 -16.39 18.49
N ASN A 439 24.65 -16.88 18.04
CA ASN A 439 25.92 -16.61 18.72
C ASN A 439 26.28 -15.13 18.68
N PHE A 440 26.96 -14.69 19.75
CA PHE A 440 27.52 -13.33 19.82
C PHE A 440 28.49 -13.07 18.67
N VAL A 441 29.28 -14.07 18.28
CA VAL A 441 30.15 -13.97 17.11
C VAL A 441 29.33 -13.65 15.86
N GLY A 442 28.25 -14.41 15.65
CA GLY A 442 27.42 -14.20 14.48
C GLY A 442 26.72 -12.86 14.51
N GLN A 443 26.26 -12.44 15.68
CA GLN A 443 25.60 -11.14 15.79
C GLN A 443 26.55 -10.03 15.39
N ILE A 444 27.81 -10.09 15.82
CA ILE A 444 28.75 -9.03 15.46
C ILE A 444 29.01 -9.02 13.95
N LEU A 445 29.21 -10.21 13.36
CA LEU A 445 29.43 -10.25 11.92
C LEU A 445 28.24 -9.67 11.16
N VAL A 446 27.03 -10.07 11.55
CA VAL A 446 25.84 -9.64 10.82
C VAL A 446 25.58 -8.17 11.07
N PHE A 447 25.89 -7.68 12.26
CA PHE A 447 25.80 -6.25 12.48
C PHE A 447 26.76 -5.50 11.58
N VAL A 448 28.00 -5.98 11.45
CA VAL A 448 28.97 -5.31 10.59
C VAL A 448 28.43 -5.24 9.17
N LEU A 449 27.99 -6.38 8.63
CA LEU A 449 27.43 -6.40 7.29
C LEU A 449 26.25 -5.44 7.17
N LEU A 450 25.27 -5.57 8.07
CA LEU A 450 24.03 -4.83 7.97
C LEU A 450 24.27 -3.33 8.09
N TYR A 451 24.94 -2.89 9.16
CA TYR A 451 25.04 -1.45 9.34
C TYR A 451 26.11 -0.82 8.47
N SER A 452 27.17 -1.55 8.10
CA SER A 452 28.09 -1.02 7.10
C SER A 452 27.38 -0.80 5.77
N SER A 453 26.53 -1.73 5.35
CA SER A 453 25.81 -1.52 4.10
C SER A 453 24.73 -0.46 4.24
N LEU A 454 24.12 -0.33 5.41
CA LEU A 454 23.13 0.73 5.62
C LEU A 454 23.79 2.10 5.52
N TYR A 455 24.91 2.27 6.23
CA TYR A 455 25.72 3.46 6.08
C TYR A 455 26.16 3.66 4.64
N SER A 456 26.40 2.56 3.91
CA SER A 456 26.81 2.69 2.52
C SER A 456 25.67 3.21 1.65
N THR A 457 24.44 2.76 1.90
CA THR A 457 23.32 3.36 1.17
C THR A 457 23.18 4.83 1.49
N TYR A 458 23.34 5.17 2.77
CA TYR A 458 23.33 6.58 3.17
C TYR A 458 24.36 7.38 2.38
N LEU A 459 25.62 6.96 2.44
CA LEU A 459 26.67 7.70 1.74
C LEU A 459 26.46 7.67 0.23
N TRP A 460 25.88 6.59 -0.30
CA TRP A 460 25.66 6.50 -1.74
C TRP A 460 24.59 7.47 -2.21
N THR A 461 23.64 7.82 -1.35
CA THR A 461 22.78 8.95 -1.67
C THR A 461 23.60 10.20 -1.99
N GLY A 462 24.50 10.56 -1.07
CA GLY A 462 25.31 11.75 -1.27
C GLY A 462 26.31 11.62 -2.41
N LEU A 463 26.88 10.43 -2.56
CA LEU A 463 27.85 10.21 -3.63
C LEU A 463 27.19 10.19 -5.00
N LEU A 464 25.98 9.67 -5.09
CA LEU A 464 25.23 9.73 -6.33
C LEU A 464 24.87 11.18 -6.66
N ALA A 465 24.53 11.96 -5.65
CA ALA A 465 24.28 13.38 -5.89
C ALA A 465 25.54 14.12 -6.31
N ILE A 466 26.67 13.87 -5.65
CA ILE A 466 27.89 14.59 -6.02
C ILE A 466 28.38 14.13 -7.37
N SER A 467 28.07 12.89 -7.75
CA SER A 467 28.46 12.41 -9.07
C SER A 467 27.57 12.98 -10.17
N LEU A 468 26.26 13.09 -9.93
CA LEU A 468 25.44 13.75 -10.93
C LEU A 468 25.77 15.24 -11.00
N PHE A 469 26.27 15.82 -9.92
CA PHE A 469 26.80 17.19 -10.01
C PHE A 469 28.06 17.22 -10.87
N LEU A 470 28.93 16.22 -10.74
CA LEU A 470 30.10 16.13 -11.62
C LEU A 470 29.68 15.95 -13.08
N LEU A 471 28.63 15.19 -13.32
CA LEU A 471 28.11 15.04 -14.68
C LEU A 471 27.54 16.36 -15.20
N LYS A 472 26.92 17.14 -14.32
CA LYS A 472 26.38 18.43 -14.73
C LYS A 472 27.50 19.46 -14.91
N LYS A 473 28.52 19.40 -14.06
CA LYS A 473 29.75 20.17 -14.27
C LYS A 473 30.56 19.49 -15.37
N ARG A 474 29.98 19.44 -16.57
CA ARG A 474 30.44 18.60 -17.67
C ARG A 474 31.80 19.01 -18.22
N GLU A 475 32.32 20.16 -17.79
CA GLU A 475 33.70 20.52 -18.12
C GLU A 475 34.69 19.51 -17.56
N ARG A 476 34.31 18.79 -16.51
CA ARG A 476 35.20 17.94 -15.74
C ARG A 476 35.64 16.70 -16.53
N VAL A 477 36.69 16.07 -16.02
CA VAL A 477 37.15 14.77 -16.51
C VAL A 477 36.13 13.71 -16.14
N GLN A 478 36.32 12.50 -16.65
CA GLN A 478 35.52 11.35 -16.23
C GLN A 478 35.62 11.20 -14.71
N ILE A 479 34.47 11.04 -14.06
CA ILE A 479 34.40 11.03 -12.60
C ILE A 479 35.31 9.93 -12.05
N PRO A 480 35.97 10.15 -10.92
CA PRO A 480 36.86 9.11 -10.37
C PRO A 480 36.07 7.94 -9.79
N VAL A 481 35.66 7.02 -10.67
CA VAL A 481 34.74 5.95 -10.28
C VAL A 481 35.35 5.07 -9.21
N GLY A 482 36.62 4.71 -9.37
CA GLY A 482 37.28 3.90 -8.36
C GLY A 482 37.26 4.54 -7.00
N ILE A 483 37.51 5.84 -6.94
CA ILE A 483 37.53 6.53 -5.66
C ILE A 483 36.13 6.65 -5.08
N ILE A 484 35.15 6.98 -5.92
CA ILE A 484 33.79 7.15 -5.40
C ILE A 484 33.23 5.82 -4.91
N ILE A 485 33.59 4.73 -5.59
CA ILE A 485 33.23 3.40 -5.10
C ILE A 485 33.93 3.09 -3.78
N ILE A 486 35.24 3.34 -3.70
CA ILE A 486 35.97 3.07 -2.47
C ILE A 486 35.47 3.98 -1.35
N SER A 487 34.96 5.14 -1.68
CA SER A 487 34.40 6.02 -0.67
C SER A 487 33.09 5.47 -0.14
N GLY A 488 32.15 5.18 -1.05
CA GLY A 488 30.85 4.71 -0.64
C GLY A 488 30.87 3.38 0.08
N TRP A 489 31.86 2.55 -0.20
CA TRP A 489 31.96 1.28 0.49
C TRP A 489 32.93 1.30 1.65
N GLY A 490 34.09 1.92 1.49
CA GLY A 490 35.13 1.92 2.49
C GLY A 490 34.93 2.89 3.63
N ILE A 491 34.43 4.11 3.41
CA ILE A 491 34.19 5.02 4.53
C ILE A 491 33.14 4.45 5.48
N PRO A 492 32.06 3.80 5.02
CA PRO A 492 31.20 3.08 5.97
C PRO A 492 31.89 1.92 6.65
N ALA A 493 32.76 1.18 5.96
CA ALA A 493 33.53 0.15 6.63
C ALA A 493 34.43 0.75 7.71
N LEU A 494 34.96 1.95 7.46
CA LEU A 494 35.76 2.64 8.47
C LEU A 494 34.89 3.11 9.63
N LEU A 495 33.68 3.59 9.34
CA LEU A 495 32.76 4.03 10.39
C LEU A 495 32.31 2.86 11.28
N VAL A 496 32.12 1.68 10.68
CA VAL A 496 31.71 0.53 11.49
C VAL A 496 32.91 -0.09 12.21
N GLY A 497 34.10 -0.10 11.61
CA GLY A 497 35.27 -0.48 12.37
C GLY A 497 35.47 0.42 13.56
N VAL A 498 35.23 1.72 13.37
CA VAL A 498 35.22 2.68 14.46
C VAL A 498 34.22 2.24 15.52
N LEU A 499 33.03 1.82 15.11
CA LEU A 499 32.02 1.39 16.09
C LEU A 499 32.53 0.21 16.92
N LEU A 500 33.06 -0.82 16.28
CA LEU A 500 33.53 -1.98 17.02
C LEU A 500 34.60 -1.60 18.03
N ILE A 501 35.48 -0.68 17.65
CA ILE A 501 36.63 -0.36 18.49
C ILE A 501 36.25 0.63 19.59
N THR A 502 35.42 1.63 19.26
CA THR A 502 35.13 2.74 20.16
C THR A 502 33.84 2.58 20.97
N GLY A 503 32.95 1.68 20.56
CA GLY A 503 31.68 1.49 21.23
C GLY A 503 31.67 0.27 22.16
N LYS A 504 30.51 0.07 22.80
CA LYS A 504 30.29 -1.06 23.69
C LYS A 504 28.98 -1.73 23.33
N HIS A 505 28.89 -3.02 23.60
CA HIS A 505 27.97 -3.92 22.91
C HIS A 505 26.75 -4.27 23.76
N ASN A 506 25.56 -4.10 23.18
CA ASN A 506 24.29 -4.37 23.86
C ASN A 506 23.75 -5.71 23.37
N GLY A 507 24.35 -6.79 23.87
CA GLY A 507 23.98 -8.14 23.46
C GLY A 507 22.56 -8.52 23.75
N ASP A 508 21.88 -7.72 24.56
CA ASP A 508 20.44 -7.90 24.77
C ASP A 508 19.65 -7.32 23.60
N SER A 509 20.13 -6.22 23.03
CA SER A 509 19.24 -5.29 22.33
C SER A 509 18.72 -5.87 21.03
N ILE A 510 17.42 -5.70 20.84
CA ILE A 510 16.69 -6.31 19.73
C ILE A 510 16.90 -5.52 18.45
N ASP A 511 16.74 -4.20 18.53
CA ASP A 511 16.84 -3.33 17.36
C ASP A 511 18.30 -3.07 17.06
N SER A 512 18.75 -3.45 15.86
CA SER A 512 20.16 -3.33 15.51
C SER A 512 20.66 -1.90 15.62
N ALA A 513 19.77 -0.92 15.52
CA ALA A 513 20.15 0.48 15.57
C ALA A 513 20.62 0.93 16.95
N PHE A 514 20.50 0.10 17.99
CA PHE A 514 21.08 0.41 19.29
C PHE A 514 22.14 -0.61 19.71
N PHE A 515 22.60 -1.43 18.78
CA PHE A 515 23.47 -2.56 19.11
C PHE A 515 24.77 -2.08 19.74
N TYR A 516 25.34 -1.00 19.24
CA TYR A 516 26.50 -0.37 19.88
C TYR A 516 26.13 0.93 20.56
N GLY A 517 24.96 0.93 21.20
CA GLY A 517 24.61 1.94 22.18
C GLY A 517 24.63 3.34 21.64
N LYS A 518 25.15 4.27 22.45
CA LYS A 518 25.21 5.66 22.05
C LYS A 518 26.09 5.84 20.83
N GLU A 519 27.24 5.15 20.79
CA GLU A 519 28.17 5.31 19.69
C GLU A 519 27.52 4.96 18.36
N GLN A 520 26.69 3.92 18.37
CA GLN A 520 25.94 3.52 17.17
C GLN A 520 25.18 4.70 16.59
N MET A 521 24.38 5.36 17.43
CA MET A 521 23.53 6.43 16.93
C MET A 521 24.35 7.68 16.61
N ILE A 522 25.45 7.91 17.33
CA ILE A 522 26.34 9.02 17.00
C ILE A 522 26.95 8.82 15.62
N THR A 523 27.43 7.61 15.36
CA THR A 523 28.02 7.28 14.07
C THR A 523 26.98 7.35 12.95
N THR A 524 25.80 6.80 13.21
CA THR A 524 24.70 6.87 12.26
C THR A 524 24.35 8.32 11.95
N ALA A 525 24.28 9.16 12.99
CA ALA A 525 23.95 10.55 12.80
C ALA A 525 25.00 11.26 11.97
N VAL A 526 26.28 10.95 12.22
CA VAL A 526 27.35 11.60 11.46
C VAL A 526 27.34 11.12 10.02
N THR A 527 27.08 9.84 9.80
CA THR A 527 26.97 9.31 8.44
C THR A 527 25.83 9.96 7.69
N LEU A 528 24.67 10.09 8.35
CA LEU A 528 23.51 10.73 7.76
C LEU A 528 23.74 12.22 7.53
N PHE A 529 24.36 12.89 8.50
CA PHE A 529 24.63 14.32 8.42
C PHE A 529 25.60 14.61 7.30
N CYS A 530 26.65 13.79 7.17
CA CYS A 530 27.57 13.92 6.05
C CYS A 530 26.87 13.66 4.73
N SER A 531 26.09 12.57 4.63
CA SER A 531 25.46 12.27 3.35
C SER A 531 24.40 13.31 2.99
N ILE A 532 23.71 13.87 3.98
CA ILE A 532 22.73 14.92 3.69
C ILE A 532 23.43 16.22 3.30
N LEU A 533 24.51 16.60 4.01
CA LEU A 533 25.28 17.77 3.61
C LEU A 533 25.77 17.59 2.18
N ILE A 534 26.41 16.46 1.90
CA ILE A 534 26.93 16.18 0.57
C ILE A 534 25.82 16.23 -0.46
N ALA A 535 24.70 15.57 -0.18
CA ALA A 535 23.62 15.48 -1.16
C ALA A 535 22.96 16.84 -1.38
N GLY A 536 22.59 17.52 -0.30
CA GLY A 536 21.94 18.80 -0.44
C GLY A 536 22.81 19.83 -1.12
N ILE A 537 24.09 19.89 -0.74
CA ILE A 537 25.01 20.79 -1.41
C ILE A 537 25.19 20.39 -2.86
N SER A 538 25.24 19.09 -3.15
CA SER A 538 25.37 18.65 -4.53
C SER A 538 24.18 19.02 -5.38
N LEU A 539 22.97 18.87 -4.84
CA LEU A 539 21.76 19.14 -5.63
C LEU A 539 21.53 20.64 -5.76
N MET A 540 21.81 21.39 -4.69
CA MET A 540 21.84 22.84 -4.79
C MET A 540 22.82 23.30 -5.87
N CYS A 541 24.03 22.75 -5.87
CA CYS A 541 25.02 23.16 -6.85
C CYS A 541 24.67 22.68 -8.25
N MET A 542 24.02 21.52 -8.36
CA MET A 542 23.51 21.08 -9.66
C MET A 542 22.50 22.08 -10.20
N ASN A 543 21.56 22.52 -9.37
CA ASN A 543 20.58 23.51 -9.79
C ASN A 543 21.25 24.84 -10.14
N GLN A 544 22.19 25.29 -9.32
CA GLN A 544 22.91 26.54 -9.60
C GLN A 544 23.75 26.45 -10.85
N THR A 545 24.17 25.24 -11.24
CA THR A 545 24.82 25.06 -12.53
C THR A 545 23.80 25.14 -13.66
N ALA A 546 22.61 24.57 -13.45
CA ALA A 546 21.55 24.64 -14.45
C ALA A 546 21.07 26.07 -14.66
N GLN A 547 21.20 26.94 -13.66
CA GLN A 547 20.78 28.33 -13.76
C GLN A 547 21.61 29.14 -14.74
N ALA A 548 22.71 28.61 -15.26
CA ALA A 548 23.56 29.33 -16.20
C ALA A 548 22.85 29.55 -17.53
N ASP A 652 22.11 7.01 -21.79
CA ASP A 652 21.40 8.16 -21.24
C ASP A 652 21.82 8.40 -19.79
N GLN A 653 22.18 9.63 -19.46
CA GLN A 653 22.59 9.95 -18.09
C GLN A 653 21.43 9.90 -17.11
N GLN A 654 20.19 10.05 -17.59
CA GLN A 654 18.97 9.94 -16.78
C GLN A 654 19.04 10.81 -15.53
N LEU A 655 19.60 12.02 -15.69
CA LEU A 655 19.82 12.91 -14.56
C LEU A 655 18.54 13.23 -13.80
N THR A 656 17.40 13.28 -14.48
CA THR A 656 16.14 13.51 -13.78
C THR A 656 15.81 12.34 -12.86
N ARG A 657 15.89 11.11 -13.38
CA ARG A 657 15.60 9.95 -12.54
C ARG A 657 16.62 9.80 -11.42
N HIS A 658 17.87 10.18 -11.68
CA HIS A 658 18.88 10.14 -10.64
C HIS A 658 18.60 11.15 -9.53
N VAL A 659 18.21 12.36 -9.91
CA VAL A 659 17.86 13.37 -8.91
C VAL A 659 16.60 12.96 -8.16
N LEU A 660 15.69 12.27 -8.83
CA LEU A 660 14.50 11.76 -8.14
C LEU A 660 14.88 10.71 -7.11
N LEU A 661 15.74 9.78 -7.49
CA LEU A 661 16.25 8.79 -6.53
C LEU A 661 16.91 9.50 -5.35
N CYS A 662 17.78 10.46 -5.63
CA CYS A 662 18.45 11.19 -4.57
C CYS A 662 17.45 11.91 -3.67
N LEU A 663 16.47 12.60 -4.24
CA LEU A 663 15.56 13.43 -3.44
C LEU A 663 14.69 12.57 -2.53
N LEU A 664 14.13 11.48 -3.07
CA LEU A 664 13.34 10.60 -2.23
C LEU A 664 14.22 9.98 -1.14
N LEU A 665 15.46 9.60 -1.48
CA LEU A 665 16.35 9.08 -0.46
C LEU A 665 16.73 10.16 0.55
N ILE A 666 16.76 11.44 0.15
CA ILE A 666 17.09 12.51 1.07
C ILE A 666 15.97 12.73 2.06
N ILE A 667 14.72 12.55 1.62
CA ILE A 667 13.60 12.48 2.57
C ILE A 667 13.87 11.41 3.62
N GLY A 668 14.25 10.21 3.16
CA GLY A 668 14.53 9.13 4.10
C GLY A 668 15.71 9.42 5.01
N LEU A 669 16.75 10.06 4.48
CA LEU A 669 17.91 10.39 5.30
C LEU A 669 17.57 11.43 6.34
N PHE A 670 16.71 12.40 6.00
CA PHE A 670 16.27 13.36 7.00
C PHE A 670 15.45 12.70 8.08
N ALA A 671 14.62 11.72 7.70
CA ALA A 671 13.87 10.98 8.71
C ALA A 671 14.80 10.20 9.65
N ASN A 672 15.81 9.55 9.09
CA ASN A 672 16.74 8.80 9.93
C ASN A 672 17.61 9.71 10.78
N LEU A 673 18.05 10.84 10.21
CA LEU A 673 18.77 11.83 10.99
C LEU A 673 17.90 12.34 12.13
N SER A 674 16.61 12.53 11.87
CA SER A 674 15.70 12.96 12.92
C SER A 674 15.59 11.91 14.01
N SER A 675 15.47 10.63 13.65
CA SER A 675 15.42 9.59 14.68
C SER A 675 16.69 9.60 15.52
N CYS A 676 17.84 9.67 14.87
CA CYS A 676 19.10 9.66 15.61
C CYS A 676 19.21 10.88 16.51
N LEU A 677 18.91 12.06 15.99
CA LEU A 677 19.05 13.28 16.78
C LEU A 677 18.00 13.36 17.89
N TRP A 678 16.80 12.82 17.66
CA TRP A 678 15.83 12.73 18.74
C TRP A 678 16.36 11.85 19.86
N TRP A 679 16.76 10.61 19.52
CA TRP A 679 17.22 9.70 20.55
C TRP A 679 18.49 10.20 21.22
N LEU A 680 19.30 10.99 20.52
CA LEU A 680 20.54 11.49 21.11
C LEU A 680 20.30 12.70 22.00
N PHE A 681 19.72 13.76 21.44
CA PHE A 681 19.55 15.00 22.19
C PHE A 681 18.40 14.95 23.19
N ASN A 682 17.49 13.98 23.08
CA ASN A 682 16.41 13.81 24.04
C ASN A 682 16.52 12.44 24.68
N GLN A 683 16.46 12.41 26.02
CA GLN A 683 16.49 11.16 26.76
C GLN A 683 15.21 10.36 26.56
N GLU A 684 14.10 11.03 26.23
CA GLU A 684 12.78 10.40 26.24
C GLU A 684 12.26 10.20 24.83
N PRO A 685 11.88 8.98 24.45
CA PRO A 685 11.14 8.76 23.19
C PRO A 685 9.67 9.10 23.35
N GLY A 686 9.37 10.40 23.39
CA GLY A 686 7.99 10.87 23.30
C GLY A 686 7.34 10.23 22.09
N ARG A 687 6.03 9.94 22.16
CA ARG A 687 5.47 8.85 21.36
C ARG A 687 5.72 9.02 19.86
N LEU A 688 5.95 10.25 19.38
CA LEU A 688 6.29 10.41 17.97
C LEU A 688 7.57 9.68 17.61
N TYR A 689 8.45 9.44 18.60
CA TYR A 689 9.65 8.65 18.31
C TYR A 689 9.31 7.25 17.84
N VAL A 690 8.20 6.67 18.32
CA VAL A 690 7.81 5.33 17.90
C VAL A 690 7.35 5.32 16.45
N GLU A 691 6.46 6.25 16.08
CA GLU A 691 6.02 6.35 14.70
C GLU A 691 7.17 6.71 13.78
N LEU A 692 8.12 7.51 14.26
CA LEU A 692 9.26 7.89 13.45
C LEU A 692 10.27 6.75 13.33
N GLN A 693 10.45 5.95 14.38
CA GLN A 693 11.33 4.80 14.26
C GLN A 693 10.74 3.77 13.33
N PHE A 694 9.41 3.68 13.30
CA PHE A 694 8.76 2.85 12.31
C PHE A 694 9.01 3.37 10.89
N PHE A 695 8.86 4.68 10.67
CA PHE A 695 9.11 5.18 9.31
C PHE A 695 10.59 5.10 8.94
N CYS A 696 11.48 5.23 9.93
CA CYS A 696 12.89 4.97 9.69
C CYS A 696 13.11 3.56 9.20
N ALA A 697 12.45 2.58 9.82
CA ALA A 697 12.57 1.21 9.34
C ALA A 697 11.98 1.04 7.95
N VAL A 698 10.82 1.66 7.71
CA VAL A 698 10.20 1.62 6.39
C VAL A 698 11.20 2.09 5.34
N PHE A 699 11.85 3.22 5.59
CA PHE A 699 12.81 3.74 4.62
C PHE A 699 14.08 2.90 4.56
N ASN A 700 14.74 2.70 5.69
CA ASN A 700 15.99 1.96 5.76
C ASN A 700 15.91 0.67 4.97
N PHE A 701 14.85 -0.10 5.17
CA PHE A 701 14.79 -1.41 4.59
C PHE A 701 13.93 -1.48 3.33
N GLY A 702 13.11 -0.49 3.06
CA GLY A 702 12.33 -0.48 1.84
C GLY A 702 12.77 0.51 0.79
N GLN A 703 13.91 1.17 0.96
CA GLN A 703 14.44 2.04 -0.08
C GLN A 703 14.67 1.31 -1.39
N GLY A 704 14.74 -0.01 -1.34
CA GLY A 704 14.79 -0.79 -2.57
C GLY A 704 13.57 -0.57 -3.42
N PHE A 705 12.43 -0.26 -2.80
CA PHE A 705 11.24 0.10 -3.56
C PHE A 705 11.43 1.40 -4.32
N ILE A 706 12.10 2.39 -3.73
CA ILE A 706 12.35 3.64 -4.45
C ILE A 706 13.25 3.38 -5.65
N SER A 707 14.32 2.60 -5.45
CA SER A 707 15.22 2.33 -6.56
C SER A 707 14.55 1.46 -7.61
N PHE A 708 13.66 0.55 -7.20
CA PHE A 708 12.87 -0.24 -8.14
C PHE A 708 11.87 0.63 -8.89
N GLY A 709 11.21 1.55 -8.20
CA GLY A 709 10.24 2.40 -8.84
C GLY A 709 10.88 3.31 -9.86
N ILE A 710 12.12 3.70 -9.64
CA ILE A 710 12.79 4.59 -10.58
C ILE A 710 13.55 3.83 -11.67
N PHE A 711 14.02 2.62 -11.42
CA PHE A 711 14.78 1.90 -12.43
C PHE A 711 14.28 0.49 -12.72
N GLY A 712 13.60 -0.16 -11.78
CA GLY A 712 13.21 -1.55 -11.99
C GLY A 712 12.00 -1.76 -12.86
N LEU A 713 11.34 -0.69 -13.31
CA LEU A 713 10.09 -0.82 -14.04
C LEU A 713 10.25 -0.79 -15.56
N ASP A 714 11.42 -0.43 -16.08
CA ASP A 714 11.62 -0.36 -17.53
C ASP A 714 11.39 -1.72 -18.21
C IAC B . -14.73 -8.90 -9.39
C1 IAC B . -14.43 -8.49 -8.12
C2 IAC B . -13.12 -8.55 -7.63
C3 IAC B . -12.12 -9.03 -8.45
C4 IAC B . -12.41 -9.45 -9.74
C5 IAC B . -13.70 -9.39 -10.21
C7 IAC B . -15.59 -8.06 -7.55
C8 IAC B . -16.61 -8.21 -8.47
C17 IAC B . -16.00 -7.49 -6.20
C18 IAC B . -15.85 -5.97 -6.16
N IAC B . -16.07 -8.72 -9.60
O2 IAC B . -15.63 -5.32 -7.21
O3 IAC B . -15.95 -5.37 -5.06
#